data_6K1Z
#
_entry.id   6K1Z
#
_cell.length_a   48.184
_cell.length_b   113.959
_cell.length_c   127.475
_cell.angle_alpha   90.00
_cell.angle_beta   90.00
_cell.angle_gamma   90.00
#
_symmetry.space_group_name_H-M   'P 21 21 21'
#
loop_
_entity.id
_entity.type
_entity.pdbx_description
1 polymer 'Guanylate-binding protein 1'
2 non-polymer FARNESYL
3 water water
#
_entity_poly.entity_id   1
_entity_poly.type   'polypeptide(L)'
_entity_poly.pdbx_seq_one_letter_code
;GSMASEIHMTGPMCLIENTNGRLMANPEALKILSAITQPMVVVAIVGLYRTGKSYLMNKLAGKKKGFSLGSTVQSHTKGI
WMWCVPHPKKPGHILVLLDTEGLGDVEKGDNQNDSWIFALAVLLSSTFVYNSIGTINQQAMDQLYYVTELTHRIRSKSSP
DENENEVEDSADFVSFFPDFVWTLRDFSLDLEADGQPLTPDEYLTYSLKLKKGTSQKDETFNLPRLCIRKFFPKKKCFVF
DRPVHRRKLAQLEKLQDEELDPEFVQQVADFCSYIFSNSKTKTLSGGIQVNGPRLESLVLTYVNAISSGDLPCMENAVLA
LAQIENSAAVQKAIAHYEQQMGQKVQLPTETLQELLDLHRDSEREAIEVFIRSSFKDVDHLFQKELAAQLEKKRDDFCKQ
NQEASSDRCSALLQVIFSPLEEEVKAGIYSKPGGYRLFVQKLQDLKKKYYEEPRKGIQAEEILQTYLKSKESMTDAILQT
DQTLTEKEKEIEVERVKAESAQASAKMLQEMQRKNEQMMEQKERSYQEHLKQLTEKMENDRVQLLKEQERTLALKLQEQE
QLLKEGFQKESRIMKNEIQDLQTKMRRRKACTIS
;
_entity_poly.pdbx_strand_id   A
#
# COMPACT_ATOMS: atom_id res chain seq x y z
N ILE A 7 -16.01 0.67 -18.49
CA ILE A 7 -15.32 0.33 -19.73
C ILE A 7 -16.04 -0.83 -20.41
N HIS A 8 -16.09 -0.78 -21.74
CA HIS A 8 -16.80 -1.79 -22.52
C HIS A 8 -16.22 -1.90 -23.92
N MET A 9 -15.09 -2.60 -24.06
CA MET A 9 -14.47 -2.76 -25.37
C MET A 9 -15.38 -3.56 -26.30
N THR A 10 -15.37 -3.19 -27.59
CA THR A 10 -16.22 -3.90 -28.55
C THR A 10 -15.60 -5.24 -28.94
N GLY A 11 -14.27 -5.28 -29.10
CA GLY A 11 -13.59 -6.49 -29.49
C GLY A 11 -12.31 -6.69 -28.70
N PRO A 12 -11.82 -7.93 -28.67
CA PRO A 12 -10.61 -8.21 -27.90
C PRO A 12 -9.38 -7.51 -28.45
N MET A 13 -8.49 -7.12 -27.55
CA MET A 13 -7.23 -6.49 -27.89
C MET A 13 -6.10 -7.35 -27.35
N CYS A 14 -5.01 -7.44 -28.11
CA CYS A 14 -3.88 -8.26 -27.72
C CYS A 14 -3.19 -7.65 -26.50
N LEU A 15 -3.14 -8.42 -25.41
CA LEU A 15 -2.49 -7.97 -24.18
C LEU A 15 -1.00 -8.29 -24.16
N ILE A 16 -0.62 -9.49 -24.58
CA ILE A 16 0.78 -9.91 -24.63
C ILE A 16 1.01 -10.58 -25.97
N GLU A 17 1.93 -10.04 -26.76
CA GLU A 17 2.23 -10.58 -28.08
C GLU A 17 3.46 -11.47 -28.04
N ASN A 18 3.43 -12.53 -28.83
CA ASN A 18 4.52 -13.49 -28.93
C ASN A 18 5.22 -13.33 -30.27
N THR A 19 5.86 -12.17 -30.44
CA THR A 19 6.53 -11.80 -31.67
C THR A 19 8.04 -11.94 -31.52
N ASN A 20 8.67 -12.63 -32.48
CA ASN A 20 10.12 -12.81 -32.56
C ASN A 20 10.67 -13.75 -31.48
N GLY A 21 9.85 -14.67 -30.98
CA GLY A 21 10.24 -15.46 -29.83
C GLY A 21 10.26 -14.69 -28.53
N ARG A 22 9.90 -13.40 -28.56
CA ARG A 22 9.83 -12.55 -27.39
C ARG A 22 8.38 -12.44 -26.93
N LEU A 23 8.20 -12.24 -25.63
CA LEU A 23 6.90 -11.82 -25.09
C LEU A 23 6.97 -10.34 -24.75
N MET A 24 6.03 -9.58 -25.28
CA MET A 24 5.96 -8.14 -25.03
C MET A 24 4.53 -7.78 -24.66
N ALA A 25 4.38 -6.97 -23.61
CA ALA A 25 3.08 -6.43 -23.26
C ALA A 25 2.76 -5.29 -24.20
N ASN A 26 1.61 -5.36 -24.85
CA ASN A 26 1.17 -4.29 -25.74
C ASN A 26 0.95 -3.03 -24.92
N PRO A 27 1.79 -2.00 -25.09
CA PRO A 27 1.63 -0.78 -24.29
C PRO A 27 0.29 -0.11 -24.49
N GLU A 28 -0.36 -0.35 -25.62
CA GLU A 28 -1.74 0.10 -25.80
C GLU A 28 -2.67 -0.62 -24.84
N ALA A 29 -2.54 -1.94 -24.73
CA ALA A 29 -3.39 -2.72 -23.84
C ALA A 29 -3.23 -2.29 -22.39
N LEU A 30 -2.00 -2.00 -21.98
CA LEU A 30 -1.77 -1.51 -20.62
C LEU A 30 -2.43 -0.15 -20.41
N LYS A 31 -2.45 0.69 -21.45
CA LYS A 31 -3.09 1.99 -21.34
C LYS A 31 -4.57 1.85 -20.99
N ILE A 32 -5.26 0.92 -21.65
CA ILE A 32 -6.68 0.70 -21.36
C ILE A 32 -6.85 0.13 -19.95
N LEU A 33 -5.91 -0.72 -19.52
CA LEU A 33 -6.01 -1.32 -18.19
C LEU A 33 -5.85 -0.28 -17.09
N SER A 34 -4.89 0.63 -17.24
CA SER A 34 -4.67 1.65 -16.21
C SER A 34 -5.92 2.45 -15.92
N ALA A 35 -6.81 2.59 -16.90
CA ALA A 35 -8.00 3.40 -16.74
C ALA A 35 -9.13 2.67 -16.00
N ILE A 36 -9.06 1.36 -15.87
CA ILE A 36 -10.11 0.59 -15.22
C ILE A 36 -9.89 0.62 -13.72
N THR A 37 -10.82 1.24 -12.99
CA THR A 37 -10.69 1.35 -11.54
C THR A 37 -11.46 0.28 -10.78
N GLN A 38 -12.47 -0.30 -11.38
CA GLN A 38 -13.31 -1.27 -10.67
C GLN A 38 -12.56 -2.58 -10.48
N PRO A 39 -12.90 -3.36 -9.44
CA PRO A 39 -12.30 -4.68 -9.27
C PRO A 39 -12.61 -5.58 -10.44
N MET A 40 -11.79 -6.62 -10.61
CA MET A 40 -11.80 -7.44 -11.81
C MET A 40 -12.00 -8.91 -11.49
N VAL A 41 -12.87 -9.56 -12.27
CA VAL A 41 -12.99 -11.00 -12.33
C VAL A 41 -12.31 -11.43 -13.63
N VAL A 42 -11.19 -12.13 -13.52
CA VAL A 42 -10.37 -12.46 -14.68
C VAL A 42 -10.59 -13.93 -15.02
N VAL A 43 -11.22 -14.18 -16.17
CA VAL A 43 -11.48 -15.54 -16.64
C VAL A 43 -10.59 -15.77 -17.85
N ALA A 44 -9.71 -16.77 -17.74
CA ALA A 44 -8.80 -17.14 -18.81
C ALA A 44 -9.30 -18.39 -19.52
N ILE A 45 -9.42 -18.31 -20.84
CA ILE A 45 -9.83 -19.43 -21.67
C ILE A 45 -8.61 -19.93 -22.42
N VAL A 46 -8.20 -21.16 -22.13
CA VAL A 46 -6.93 -21.72 -22.59
C VAL A 46 -7.20 -23.00 -23.35
N GLY A 47 -6.50 -23.18 -24.46
CA GLY A 47 -6.61 -24.38 -25.25
C GLY A 47 -5.85 -24.27 -26.56
N LEU A 48 -5.58 -25.41 -27.20
CA LEU A 48 -4.90 -25.40 -28.48
C LEU A 48 -5.75 -24.64 -29.51
N TYR A 49 -5.10 -24.22 -30.59
CA TYR A 49 -5.76 -23.34 -31.55
C TYR A 49 -6.85 -24.10 -32.32
N ARG A 50 -7.87 -23.35 -32.72
CA ARG A 50 -9.06 -23.90 -33.38
C ARG A 50 -9.69 -25.02 -32.55
N THR A 51 -9.97 -24.66 -31.29
CA THR A 51 -10.64 -25.54 -30.34
C THR A 51 -12.07 -25.10 -30.06
N GLY A 52 -12.48 -23.95 -30.59
CA GLY A 52 -13.78 -23.40 -30.27
C GLY A 52 -13.78 -22.44 -29.10
N LYS A 53 -12.61 -22.02 -28.64
CA LYS A 53 -12.54 -21.08 -27.53
C LYS A 53 -13.18 -19.74 -27.88
N SER A 54 -13.05 -19.32 -29.14
CA SER A 54 -13.60 -18.03 -29.55
C SER A 54 -15.10 -17.95 -29.32
N TYR A 55 -15.81 -19.08 -29.37
CA TYR A 55 -17.25 -19.05 -29.13
C TYR A 55 -17.55 -18.84 -27.66
N LEU A 56 -16.85 -19.55 -26.77
CA LEU A 56 -16.99 -19.30 -25.34
C LEU A 56 -16.56 -17.88 -24.99
N MET A 57 -15.53 -17.38 -25.66
CA MET A 57 -15.09 -16.01 -25.46
C MET A 57 -16.18 -15.01 -25.81
N ASN A 58 -16.87 -15.23 -26.93
CA ASN A 58 -17.95 -14.33 -27.32
C ASN A 58 -19.16 -14.49 -26.41
N LYS A 59 -19.43 -15.71 -25.93
CA LYS A 59 -20.60 -15.91 -25.10
C LYS A 59 -20.41 -15.36 -23.69
N LEU A 60 -19.18 -15.44 -23.15
CA LEU A 60 -18.92 -14.84 -21.86
C LEU A 60 -18.98 -13.31 -21.94
N ALA A 61 -18.54 -12.75 -23.07
CA ALA A 61 -18.57 -11.30 -23.26
C ALA A 61 -19.99 -10.78 -23.42
N GLY A 62 -20.93 -11.63 -23.83
CA GLY A 62 -22.32 -11.22 -23.97
C GLY A 62 -22.65 -10.74 -25.37
N LYS A 63 -22.50 -11.63 -26.34
CA LYS A 63 -22.78 -11.29 -27.74
C LYS A 63 -23.51 -12.43 -28.45
N HIS A 76 -4.61 -14.77 -36.37
CA HIS A 76 -3.87 -13.62 -35.87
C HIS A 76 -2.41 -13.97 -35.66
N THR A 77 -1.87 -13.56 -34.51
CA THR A 77 -0.53 -13.93 -34.09
C THR A 77 -0.55 -14.29 -32.61
N LYS A 78 0.42 -15.11 -32.20
CA LYS A 78 0.43 -15.74 -30.89
C LYS A 78 0.33 -14.73 -29.76
N GLY A 79 -0.15 -15.22 -28.61
CA GLY A 79 -0.11 -14.45 -27.38
C GLY A 79 -1.37 -14.65 -26.56
N ILE A 80 -1.59 -13.71 -25.64
CA ILE A 80 -2.79 -13.65 -24.80
C ILE A 80 -3.59 -12.42 -25.21
N TRP A 81 -4.88 -12.61 -25.43
CA TRP A 81 -5.77 -11.53 -25.83
C TRP A 81 -6.77 -11.24 -24.72
N MET A 82 -7.11 -9.96 -24.58
CA MET A 82 -7.90 -9.47 -23.46
C MET A 82 -9.18 -8.82 -23.95
N TRP A 83 -10.28 -9.05 -23.23
CA TRP A 83 -11.58 -8.48 -23.58
C TRP A 83 -12.31 -8.20 -22.27
N CYS A 84 -12.33 -6.93 -21.87
CA CYS A 84 -12.91 -6.51 -20.59
C CYS A 84 -14.30 -5.90 -20.84
N VAL A 85 -15.33 -6.56 -20.34
CA VAL A 85 -16.70 -6.06 -20.40
C VAL A 85 -17.19 -5.93 -18.96
N PRO A 86 -18.24 -5.14 -18.72
CA PRO A 86 -18.82 -5.08 -17.37
C PRO A 86 -19.33 -6.44 -16.94
N HIS A 87 -19.26 -6.69 -15.63
CA HIS A 87 -19.69 -7.98 -15.11
C HIS A 87 -21.21 -8.06 -15.09
N PRO A 88 -21.79 -9.13 -15.67
CA PRO A 88 -23.25 -9.17 -15.80
C PRO A 88 -24.00 -9.38 -14.49
N LYS A 89 -23.41 -10.09 -13.52
CA LYS A 89 -24.14 -10.45 -12.32
C LYS A 89 -23.53 -9.92 -11.02
N LYS A 90 -22.44 -9.16 -11.10
CA LYS A 90 -21.85 -8.51 -9.94
C LYS A 90 -21.77 -7.01 -10.20
N PRO A 91 -22.54 -6.19 -9.50
CA PRO A 91 -22.55 -4.75 -9.81
C PRO A 91 -21.22 -4.09 -9.50
N GLY A 92 -20.79 -3.21 -10.39
CA GLY A 92 -19.56 -2.47 -10.20
C GLY A 92 -18.30 -3.26 -10.42
N HIS A 93 -18.37 -4.42 -11.04
CA HIS A 93 -17.21 -5.24 -11.32
C HIS A 93 -16.98 -5.34 -12.82
N ILE A 94 -15.73 -5.58 -13.20
CA ILE A 94 -15.34 -5.74 -14.60
C ILE A 94 -15.02 -7.21 -14.84
N LEU A 95 -15.56 -7.77 -15.91
CA LEU A 95 -15.22 -9.12 -16.33
C LEU A 95 -14.10 -9.03 -17.36
N VAL A 96 -12.95 -9.61 -17.03
CA VAL A 96 -11.79 -9.63 -17.92
C VAL A 96 -11.67 -11.03 -18.49
N LEU A 97 -11.74 -11.13 -19.82
CA LEU A 97 -11.59 -12.39 -20.52
C LEU A 97 -10.21 -12.46 -21.16
N LEU A 98 -9.47 -13.53 -20.87
CA LEU A 98 -8.17 -13.77 -21.45
C LEU A 98 -8.24 -14.97 -22.38
N ASP A 99 -7.70 -14.83 -23.59
CA ASP A 99 -7.72 -15.88 -24.59
C ASP A 99 -6.30 -16.13 -25.08
N THR A 100 -5.84 -17.37 -24.98
CA THR A 100 -4.53 -17.74 -25.51
C THR A 100 -4.67 -18.07 -26.99
N GLU A 101 -3.94 -17.36 -27.83
CA GLU A 101 -3.98 -17.56 -29.28
C GLU A 101 -2.69 -18.19 -29.75
N GLY A 102 -2.80 -19.30 -30.47
CA GLY A 102 -1.64 -19.93 -31.08
C GLY A 102 -0.94 -20.97 -30.25
N LEU A 103 -1.64 -21.65 -29.34
CA LEU A 103 -1.02 -22.68 -28.52
C LEU A 103 -0.98 -24.00 -29.30
N GLY A 104 0.22 -24.55 -29.46
CA GLY A 104 0.38 -25.79 -30.19
C GLY A 104 0.31 -25.64 -31.69
N ASP A 105 1.25 -24.90 -32.26
CA ASP A 105 1.24 -24.63 -33.70
C ASP A 105 2.59 -24.96 -34.34
N ASN A 111 6.01 -22.31 -30.34
CA ASN A 111 5.86 -23.40 -29.38
C ASN A 111 6.87 -23.26 -28.24
N GLN A 112 7.89 -22.42 -28.48
CA GLN A 112 8.92 -22.17 -27.48
C GLN A 112 8.42 -21.28 -26.34
N ASN A 113 7.39 -20.48 -26.58
CA ASN A 113 6.75 -19.67 -25.54
C ASN A 113 5.35 -20.17 -25.21
N ASP A 114 4.97 -21.34 -25.71
CA ASP A 114 3.64 -21.89 -25.40
C ASP A 114 3.49 -22.10 -23.91
N SER A 115 4.50 -22.70 -23.27
CA SER A 115 4.42 -22.96 -21.83
C SER A 115 4.40 -21.68 -21.02
N TRP A 116 5.09 -20.63 -21.49
CA TRP A 116 5.07 -19.36 -20.77
C TRP A 116 3.69 -18.72 -20.82
N ILE A 117 2.97 -18.88 -21.94
CA ILE A 117 1.64 -18.30 -22.06
C ILE A 117 0.66 -19.05 -21.16
N PHE A 118 0.82 -20.37 -21.06
CA PHE A 118 0.00 -21.15 -20.13
C PHE A 118 0.23 -20.69 -18.70
N ALA A 119 1.50 -20.56 -18.29
CA ALA A 119 1.81 -20.10 -16.94
C ALA A 119 1.25 -18.71 -16.69
N LEU A 120 1.49 -17.78 -17.61
CA LEU A 120 0.98 -16.42 -17.45
C LEU A 120 -0.54 -16.40 -17.32
N ALA A 121 -1.24 -17.30 -18.01
CA ALA A 121 -2.69 -17.35 -17.87
C ALA A 121 -3.10 -17.85 -16.50
N VAL A 122 -2.28 -18.71 -15.89
CA VAL A 122 -2.56 -19.16 -14.53
C VAL A 122 -2.34 -18.02 -13.54
N LEU A 123 -1.26 -17.26 -13.71
CA LEU A 123 -0.91 -16.21 -12.77
C LEU A 123 -1.87 -15.03 -12.82
N LEU A 124 -2.54 -14.82 -13.96
CA LEU A 124 -3.31 -13.61 -14.17
C LEU A 124 -4.80 -13.80 -13.95
N SER A 125 -5.28 -15.04 -13.87
CA SER A 125 -6.71 -15.31 -13.83
C SER A 125 -7.16 -15.71 -12.43
N SER A 126 -8.45 -15.52 -12.17
CA SER A 126 -9.08 -16.09 -10.99
C SER A 126 -9.86 -17.35 -11.29
N THR A 127 -10.25 -17.57 -12.55
CA THR A 127 -10.77 -18.85 -13.02
C THR A 127 -10.05 -19.20 -14.31
N PHE A 128 -9.57 -20.44 -14.38
CA PHE A 128 -8.73 -20.93 -15.48
C PHE A 128 -9.52 -22.00 -16.23
N VAL A 129 -9.90 -21.71 -17.47
CA VAL A 129 -10.73 -22.60 -18.27
C VAL A 129 -9.84 -23.28 -19.30
N TYR A 130 -9.63 -24.58 -19.16
CA TYR A 130 -8.94 -25.36 -20.17
C TYR A 130 -9.96 -25.99 -21.10
N ASN A 131 -9.80 -25.74 -22.40
CA ASN A 131 -10.73 -26.20 -23.42
C ASN A 131 -10.03 -27.20 -24.33
N SER A 132 -10.60 -28.40 -24.43
CA SER A 132 -10.06 -29.43 -25.30
C SER A 132 -11.21 -30.12 -26.02
N ILE A 133 -10.87 -30.85 -27.09
CA ILE A 133 -11.83 -31.52 -27.94
C ILE A 133 -11.78 -33.01 -27.64
N GLY A 134 -12.94 -33.62 -27.48
CA GLY A 134 -13.03 -35.06 -27.30
C GLY A 134 -13.21 -35.44 -25.83
N THR A 135 -12.34 -36.31 -25.35
CA THR A 135 -12.44 -36.86 -24.00
C THR A 135 -11.10 -36.74 -23.31
N ILE A 136 -11.07 -37.13 -22.04
CA ILE A 136 -9.84 -37.07 -21.22
C ILE A 136 -9.16 -38.41 -21.37
N ASN A 137 -8.36 -38.55 -22.43
CA ASN A 137 -7.56 -39.75 -22.67
C ASN A 137 -6.07 -39.39 -22.62
N GLN A 138 -5.24 -40.31 -23.12
CA GLN A 138 -3.80 -40.08 -23.09
C GLN A 138 -3.40 -38.91 -23.97
N GLN A 139 -4.09 -38.72 -25.11
CA GLN A 139 -3.75 -37.61 -25.99
C GLN A 139 -4.07 -36.26 -25.35
N ALA A 140 -5.21 -36.16 -24.66
CA ALA A 140 -5.58 -34.90 -24.01
C ALA A 140 -4.58 -34.54 -22.92
N MET A 141 -4.17 -35.53 -22.12
CA MET A 141 -3.19 -35.27 -21.07
C MET A 141 -1.83 -34.88 -21.67
N ASP A 142 -1.43 -35.54 -22.76
CA ASP A 142 -0.19 -35.16 -23.43
C ASP A 142 -0.25 -33.72 -23.92
N GLN A 143 -1.40 -33.30 -24.44
CA GLN A 143 -1.55 -31.93 -24.89
C GLN A 143 -1.55 -30.95 -23.73
N LEU A 144 -2.02 -31.38 -22.56
CA LEU A 144 -2.03 -30.56 -21.36
C LEU A 144 -0.71 -30.71 -20.60
N TYR A 145 0.39 -30.89 -21.34
CA TYR A 145 1.69 -31.05 -20.69
C TYR A 145 2.16 -29.80 -19.98
N TYR A 146 1.53 -28.65 -20.23
CA TYR A 146 1.97 -27.41 -19.63
C TYR A 146 1.89 -27.46 -18.10
N VAL A 147 0.86 -28.13 -17.57
CA VAL A 147 0.70 -28.18 -16.11
C VAL A 147 1.87 -28.88 -15.45
N THR A 148 2.52 -29.81 -16.14
CA THR A 148 3.69 -30.48 -15.60
C THR A 148 4.94 -29.60 -15.62
N GLU A 149 4.87 -28.41 -16.20
CA GLU A 149 5.99 -27.49 -16.24
C GLU A 149 5.80 -26.28 -15.33
N LEU A 150 4.64 -26.14 -14.68
CA LEU A 150 4.40 -24.99 -13.81
C LEU A 150 5.42 -24.91 -12.68
N THR A 151 5.92 -26.06 -12.20
CA THR A 151 6.93 -26.03 -11.16
C THR A 151 8.20 -25.32 -11.63
N HIS A 152 8.46 -25.32 -12.94
CA HIS A 152 9.63 -24.68 -13.51
C HIS A 152 9.32 -23.31 -14.12
N ARG A 153 8.05 -22.94 -14.24
CA ARG A 153 7.66 -21.64 -14.81
C ARG A 153 7.23 -20.63 -13.76
N ILE A 154 6.70 -21.08 -12.63
CA ILE A 154 6.13 -20.18 -11.64
C ILE A 154 6.88 -20.36 -10.32
N ARG A 155 7.13 -19.25 -9.64
CA ARG A 155 7.73 -19.23 -8.33
C ARG A 155 6.76 -18.57 -7.35
N SER A 156 6.60 -19.18 -6.18
CA SER A 156 5.68 -18.67 -5.17
C SER A 156 6.32 -17.60 -4.28
N LYS A 157 7.44 -17.94 -3.64
CA LYS A 157 8.05 -17.07 -2.64
C LYS A 157 9.35 -16.47 -3.14
N SER A 158 9.56 -15.20 -2.79
CA SER A 158 10.78 -14.50 -3.20
C SER A 158 12.00 -15.05 -2.47
N SER A 159 11.87 -15.35 -1.18
CA SER A 159 13.02 -15.54 -0.32
C SER A 159 13.59 -16.97 -0.45
N PRO A 160 14.91 -17.13 -0.25
CA PRO A 160 15.58 -18.42 -0.11
C PRO A 160 15.29 -19.08 1.23
N GLU A 166 12.08 -27.88 3.83
CA GLU A 166 12.54 -28.85 2.83
C GLU A 166 11.41 -29.23 1.87
N VAL A 167 10.35 -28.43 1.85
CA VAL A 167 9.21 -28.68 0.99
C VAL A 167 9.35 -27.84 -0.28
N GLU A 168 8.66 -28.28 -1.33
CA GLU A 168 8.74 -27.63 -2.63
C GLU A 168 8.05 -26.28 -2.61
N ASP A 169 8.58 -25.35 -3.40
CA ASP A 169 7.95 -24.04 -3.55
C ASP A 169 6.56 -24.16 -4.16
N SER A 170 6.33 -25.19 -4.97
CA SER A 170 5.03 -25.40 -5.60
C SER A 170 3.96 -25.82 -4.60
N ALA A 171 4.32 -26.11 -3.35
CA ALA A 171 3.33 -26.38 -2.33
C ALA A 171 2.45 -25.16 -2.04
N ASP A 172 2.95 -23.95 -2.33
CA ASP A 172 2.16 -22.73 -2.13
C ASP A 172 1.22 -22.44 -3.29
N PHE A 173 1.32 -23.19 -4.40
CA PHE A 173 0.53 -22.89 -5.59
C PHE A 173 -0.97 -22.84 -5.28
N VAL A 174 -1.45 -23.79 -4.47
CA VAL A 174 -2.89 -23.90 -4.22
C VAL A 174 -3.43 -22.66 -3.51
N SER A 175 -2.57 -21.86 -2.88
CA SER A 175 -3.05 -20.71 -2.11
C SER A 175 -3.25 -19.47 -2.96
N PHE A 176 -2.87 -19.49 -4.24
CA PHE A 176 -3.13 -18.35 -5.11
C PHE A 176 -3.50 -18.74 -6.54
N PHE A 177 -3.45 -20.02 -6.89
CA PHE A 177 -3.84 -20.47 -8.21
C PHE A 177 -5.35 -20.24 -8.43
N PRO A 178 -5.77 -20.12 -9.69
CA PRO A 178 -7.20 -19.94 -9.97
C PRO A 178 -7.95 -21.26 -9.88
N ASP A 179 -9.28 -21.15 -9.83
CA ASP A 179 -10.11 -22.34 -9.94
C ASP A 179 -9.92 -22.95 -11.34
N PHE A 180 -9.99 -24.27 -11.40
CA PHE A 180 -9.77 -25.00 -12.64
C PHE A 180 -11.09 -25.42 -13.25
N VAL A 181 -11.27 -25.09 -14.53
CA VAL A 181 -12.44 -25.53 -15.30
C VAL A 181 -11.92 -26.21 -16.56
N TRP A 182 -12.39 -27.44 -16.80
CA TRP A 182 -12.04 -28.22 -17.98
C TRP A 182 -13.30 -28.44 -18.78
N THR A 183 -13.42 -27.74 -19.92
CA THR A 183 -14.56 -27.86 -20.80
C THR A 183 -14.22 -28.85 -21.91
N LEU A 184 -15.06 -29.86 -22.10
CA LEU A 184 -14.83 -30.93 -23.07
C LEU A 184 -15.79 -30.73 -24.24
N ARG A 185 -15.26 -30.25 -25.36
CA ARG A 185 -16.07 -30.03 -26.54
C ARG A 185 -16.24 -31.31 -27.33
N ASP A 186 -17.34 -31.39 -28.08
CA ASP A 186 -17.67 -32.56 -28.90
C ASP A 186 -17.59 -33.84 -28.08
N PHE A 187 -18.10 -33.77 -26.85
CA PHE A 187 -18.04 -34.90 -25.91
C PHE A 187 -19.15 -35.86 -26.30
N SER A 188 -18.86 -36.72 -27.28
CA SER A 188 -19.87 -37.61 -27.87
C SER A 188 -19.92 -38.93 -27.09
N LEU A 189 -20.46 -38.85 -25.88
CA LEU A 189 -20.32 -40.00 -25.00
C LEU A 189 -21.24 -39.86 -23.79
N ASP A 190 -21.67 -40.99 -23.26
CA ASP A 190 -22.84 -41.09 -22.39
C ASP A 190 -22.41 -41.22 -20.94
N LEU A 191 -22.91 -40.31 -20.10
CA LEU A 191 -22.70 -40.38 -18.66
C LEU A 191 -24.02 -40.52 -17.91
N PRO A 197 -25.49 -43.51 -13.25
CA PRO A 197 -25.20 -42.31 -14.03
C PRO A 197 -23.98 -41.54 -13.51
N LEU A 198 -23.37 -40.70 -14.35
CA LEU A 198 -22.17 -39.97 -14.01
C LEU A 198 -22.34 -38.49 -14.36
N THR A 199 -21.94 -37.63 -13.43
CA THR A 199 -21.95 -36.20 -13.71
C THR A 199 -20.63 -35.79 -14.33
N PRO A 200 -20.60 -34.68 -15.08
CA PRO A 200 -19.32 -34.18 -15.60
C PRO A 200 -18.24 -34.01 -14.55
N ASP A 201 -18.62 -33.64 -13.32
CA ASP A 201 -17.61 -33.45 -12.26
C ASP A 201 -17.02 -34.78 -11.82
N GLU A 202 -17.88 -35.78 -11.55
CA GLU A 202 -17.38 -37.11 -11.20
C GLU A 202 -16.58 -37.73 -12.34
N TYR A 203 -16.89 -37.36 -13.58
CA TYR A 203 -16.06 -37.79 -14.70
C TYR A 203 -14.66 -37.19 -14.58
N LEU A 204 -14.56 -35.94 -14.14
CA LEU A 204 -13.24 -35.35 -13.91
C LEU A 204 -12.55 -36.02 -12.74
N THR A 205 -13.27 -36.21 -11.62
CA THR A 205 -12.67 -36.79 -10.43
C THR A 205 -12.12 -38.19 -10.72
N TYR A 206 -12.95 -39.05 -11.32
CA TYR A 206 -12.48 -40.39 -11.64
C TYR A 206 -11.33 -40.37 -12.64
N SER A 207 -11.34 -39.40 -13.58
CA SER A 207 -10.28 -39.33 -14.57
C SER A 207 -8.95 -38.90 -13.96
N LEU A 208 -8.98 -38.16 -12.86
CA LEU A 208 -7.74 -37.71 -12.22
C LEU A 208 -7.22 -38.67 -11.16
N LYS A 209 -7.87 -39.82 -10.99
CA LYS A 209 -7.37 -40.82 -10.06
C LYS A 209 -6.06 -41.40 -10.57
N LEU A 210 -5.13 -41.61 -9.65
CA LEU A 210 -3.77 -41.99 -10.04
C LEU A 210 -3.66 -43.48 -10.29
N LYS A 211 -2.58 -43.85 -10.99
CA LYS A 211 -2.27 -45.25 -11.25
C LYS A 211 -1.31 -45.78 -10.20
N LYS A 212 -1.54 -47.03 -9.80
CA LYS A 212 -0.60 -47.71 -8.91
C LYS A 212 0.49 -48.35 -9.73
N GLY A 213 1.71 -48.32 -9.21
CA GLY A 213 2.89 -48.74 -9.94
C GLY A 213 3.98 -47.69 -9.89
N THR A 214 5.16 -48.10 -10.36
CA THR A 214 6.33 -47.23 -10.35
C THR A 214 6.98 -47.09 -11.71
N SER A 215 6.58 -47.89 -12.70
CA SER A 215 7.11 -47.73 -14.04
C SER A 215 6.82 -46.31 -14.53
N GLN A 216 7.57 -45.90 -15.56
CA GLN A 216 7.40 -44.51 -15.92
C GLN A 216 6.21 -44.23 -16.79
N LYS A 217 5.57 -45.23 -17.36
CA LYS A 217 4.29 -44.89 -17.94
C LYS A 217 3.29 -44.59 -16.84
N ASP A 218 3.50 -45.16 -15.63
CA ASP A 218 2.68 -44.80 -14.48
C ASP A 218 3.01 -43.40 -13.97
N GLU A 219 4.30 -43.09 -13.83
CA GLU A 219 4.68 -41.75 -13.36
C GLU A 219 4.29 -40.69 -14.38
N THR A 220 4.43 -40.98 -15.68
CA THR A 220 3.93 -40.08 -16.71
C THR A 220 2.41 -39.95 -16.62
N PHE A 221 1.72 -41.02 -16.23
CA PHE A 221 0.27 -40.97 -16.11
C PHE A 221 -0.17 -40.11 -14.93
N ASN A 222 0.55 -40.20 -13.81
CA ASN A 222 0.14 -39.54 -12.58
C ASN A 222 0.58 -38.08 -12.51
N LEU A 223 1.65 -37.71 -13.22
CA LEU A 223 2.22 -36.38 -13.07
C LEU A 223 1.23 -35.27 -13.40
N PRO A 224 0.58 -35.24 -14.57
CA PRO A 224 -0.39 -34.15 -14.81
C PRO A 224 -1.61 -34.22 -13.91
N ARG A 225 -2.00 -35.42 -13.46
CA ARG A 225 -3.15 -35.54 -12.58
C ARG A 225 -2.82 -35.05 -11.17
N LEU A 226 -1.65 -35.41 -10.64
CA LEU A 226 -1.21 -34.85 -9.37
C LEU A 226 -1.07 -33.34 -9.45
N CYS A 227 -0.58 -32.83 -10.58
CA CYS A 227 -0.42 -31.39 -10.75
C CYS A 227 -1.77 -30.68 -10.69
N ILE A 228 -2.77 -31.20 -11.40
CA ILE A 228 -4.08 -30.57 -11.40
C ILE A 228 -4.72 -30.65 -10.03
N ARG A 229 -4.56 -31.77 -9.34
CA ARG A 229 -5.26 -32.00 -8.08
C ARG A 229 -4.66 -31.21 -6.93
N LYS A 230 -3.36 -30.95 -6.97
CA LYS A 230 -2.67 -30.28 -5.86
C LYS A 230 -2.50 -28.79 -6.06
N PHE A 231 -2.41 -28.31 -7.30
CA PHE A 231 -2.11 -26.90 -7.52
C PHE A 231 -3.36 -26.03 -7.56
N PHE A 232 -4.49 -26.57 -7.99
CA PHE A 232 -5.68 -25.73 -8.14
C PHE A 232 -6.65 -25.97 -6.99
N PRO A 233 -7.16 -24.90 -6.37
CA PRO A 233 -8.04 -25.11 -5.20
C PRO A 233 -9.40 -25.71 -5.56
N LYS A 234 -9.90 -25.49 -6.76
CA LYS A 234 -11.23 -25.97 -7.14
C LYS A 234 -11.20 -26.50 -8.56
N LYS A 235 -11.97 -27.58 -8.79
CA LYS A 235 -12.04 -28.23 -10.10
C LYS A 235 -13.49 -28.34 -10.54
N LYS A 236 -13.74 -28.08 -11.82
CA LYS A 236 -15.08 -28.18 -12.37
C LYS A 236 -14.99 -28.66 -13.81
N CYS A 237 -16.03 -29.34 -14.27
CA CYS A 237 -16.05 -29.90 -15.61
C CYS A 237 -17.39 -29.62 -16.29
N PHE A 238 -17.30 -29.26 -17.58
CA PHE A 238 -18.48 -29.07 -18.43
C PHE A 238 -18.28 -29.84 -19.72
N VAL A 239 -19.29 -30.60 -20.13
CA VAL A 239 -19.27 -31.33 -21.39
C VAL A 239 -20.23 -30.64 -22.35
N PHE A 240 -19.85 -30.58 -23.62
CA PHE A 240 -20.66 -29.95 -24.66
C PHE A 240 -20.85 -30.93 -25.80
N ASP A 241 -22.09 -31.09 -26.25
CA ASP A 241 -22.39 -31.95 -27.38
C ASP A 241 -21.77 -31.40 -28.65
N ARG A 242 -22.03 -32.07 -29.77
CA ARG A 242 -21.59 -31.57 -31.05
C ARG A 242 -22.47 -30.39 -31.46
N PRO A 243 -21.88 -29.24 -31.83
CA PRO A 243 -22.64 -28.04 -32.19
C PRO A 243 -23.54 -28.25 -33.40
N ASP A 261 -28.22 -25.50 -32.99
CA ASP A 261 -28.54 -26.48 -31.96
C ASP A 261 -29.03 -25.79 -30.69
N PRO A 262 -30.21 -26.21 -30.20
CA PRO A 262 -30.74 -25.62 -28.96
C PRO A 262 -30.25 -26.29 -27.68
N GLU A 263 -29.64 -27.47 -27.76
CA GLU A 263 -29.08 -28.08 -26.57
C GLU A 263 -27.58 -27.90 -26.44
N PHE A 264 -26.89 -27.56 -27.54
CA PHE A 264 -25.55 -27.02 -27.42
C PHE A 264 -25.60 -25.59 -26.86
N VAL A 265 -26.68 -24.86 -27.14
CA VAL A 265 -26.75 -23.46 -26.71
C VAL A 265 -27.01 -23.33 -25.22
N GLN A 266 -27.76 -24.26 -24.62
CA GLN A 266 -28.03 -24.17 -23.19
C GLN A 266 -27.11 -25.06 -22.37
N GLN A 267 -26.25 -25.85 -23.01
CA GLN A 267 -25.06 -26.32 -22.32
C GLN A 267 -24.04 -25.18 -22.19
N VAL A 268 -23.96 -24.32 -23.21
CA VAL A 268 -23.10 -23.15 -23.13
C VAL A 268 -23.66 -22.14 -22.14
N ALA A 269 -24.97 -21.92 -22.17
CA ALA A 269 -25.59 -20.91 -21.30
C ALA A 269 -25.43 -21.28 -19.82
N ASP A 270 -25.42 -22.58 -19.50
CA ASP A 270 -25.20 -22.98 -18.12
C ASP A 270 -23.73 -22.88 -17.73
N PHE A 271 -22.81 -23.06 -18.69
CA PHE A 271 -21.41 -22.81 -18.40
C PHE A 271 -21.16 -21.34 -18.09
N CYS A 272 -21.78 -20.44 -18.87
CA CYS A 272 -21.62 -19.01 -18.64
C CYS A 272 -22.20 -18.60 -17.30
N SER A 273 -23.38 -19.15 -16.95
CA SER A 273 -23.99 -18.80 -15.67
C SER A 273 -23.16 -19.29 -14.49
N TYR A 274 -22.51 -20.45 -14.64
CA TYR A 274 -21.61 -20.91 -13.58
C TYR A 274 -20.41 -19.97 -13.45
N ILE A 275 -19.87 -19.51 -14.58
CA ILE A 275 -18.77 -18.54 -14.54
C ILE A 275 -19.24 -17.23 -13.92
N PHE A 276 -20.47 -16.82 -14.21
CA PHE A 276 -20.96 -15.53 -13.72
C PHE A 276 -21.23 -15.57 -12.21
N SER A 277 -21.73 -16.70 -11.71
CA SER A 277 -22.09 -16.81 -10.30
C SER A 277 -20.94 -17.21 -9.39
N ASN A 278 -19.96 -17.97 -9.90
CA ASN A 278 -18.98 -18.60 -9.03
C ASN A 278 -17.56 -18.06 -9.17
N SER A 279 -17.21 -17.43 -10.29
CA SER A 279 -15.84 -16.96 -10.47
C SER A 279 -15.59 -15.74 -9.60
N LYS A 280 -14.59 -15.83 -8.72
CA LYS A 280 -14.35 -14.82 -7.70
C LYS A 280 -13.47 -13.70 -8.24
N THR A 281 -13.49 -12.57 -7.52
CA THR A 281 -12.62 -11.46 -7.84
C THR A 281 -11.17 -11.89 -7.73
N LYS A 282 -10.36 -11.48 -8.72
CA LYS A 282 -8.93 -11.72 -8.66
C LYS A 282 -8.35 -10.99 -7.45
N THR A 283 -7.77 -11.76 -6.53
CA THR A 283 -7.23 -11.20 -5.29
C THR A 283 -5.81 -11.68 -5.08
N LEU A 284 -4.95 -10.75 -4.65
CA LEU A 284 -3.60 -11.09 -4.21
C LEU A 284 -3.61 -11.37 -2.71
N SER A 285 -2.52 -11.98 -2.23
CA SER A 285 -2.43 -12.33 -0.82
C SER A 285 -2.54 -11.08 0.04
N GLY A 286 -3.36 -11.17 1.09
CA GLY A 286 -3.66 -10.03 1.93
C GLY A 286 -4.94 -9.30 1.59
N GLY A 287 -5.82 -9.92 0.78
CA GLY A 287 -7.10 -9.31 0.45
C GLY A 287 -7.03 -8.23 -0.60
N ILE A 288 -5.93 -8.13 -1.35
CA ILE A 288 -5.76 -7.07 -2.33
C ILE A 288 -6.61 -7.41 -3.55
N GLN A 289 -7.67 -6.64 -3.77
CA GLN A 289 -8.56 -6.86 -4.91
C GLN A 289 -7.94 -6.25 -6.15
N VAL A 290 -7.72 -7.07 -7.18
CA VAL A 290 -7.00 -6.63 -8.37
C VAL A 290 -7.95 -5.86 -9.27
N ASN A 291 -7.57 -4.60 -9.57
CA ASN A 291 -8.27 -3.79 -10.55
C ASN A 291 -7.34 -3.55 -11.74
N GLY A 292 -7.62 -2.51 -12.52
CA GLY A 292 -6.89 -2.22 -13.72
C GLY A 292 -5.40 -1.98 -13.50
N PRO A 293 -5.06 -0.90 -12.80
CA PRO A 293 -3.63 -0.59 -12.59
C PRO A 293 -2.89 -1.70 -11.87
N ARG A 294 -3.59 -2.48 -11.03
CA ARG A 294 -2.92 -3.58 -10.35
C ARG A 294 -2.70 -4.76 -11.27
N LEU A 295 -3.61 -5.02 -12.21
CA LEU A 295 -3.37 -6.04 -13.20
C LEU A 295 -2.24 -5.64 -14.15
N GLU A 296 -2.22 -4.36 -14.56
CA GLU A 296 -1.13 -3.85 -15.37
C GLU A 296 0.21 -4.07 -14.66
N SER A 297 0.23 -3.85 -13.34
CA SER A 297 1.43 -4.13 -12.56
C SER A 297 1.86 -5.59 -12.69
N LEU A 298 0.90 -6.52 -12.65
CA LEU A 298 1.22 -7.94 -12.73
C LEU A 298 1.77 -8.29 -14.11
N VAL A 299 1.08 -7.88 -15.16
CA VAL A 299 1.54 -8.16 -16.52
C VAL A 299 2.99 -7.73 -16.70
N LEU A 300 3.28 -6.48 -16.33
CA LEU A 300 4.64 -5.96 -16.51
C LEU A 300 5.66 -6.76 -15.71
N THR A 301 5.40 -6.97 -14.43
CA THR A 301 6.35 -7.71 -13.60
C THR A 301 6.60 -9.10 -14.15
N TYR A 302 5.53 -9.83 -14.48
CA TYR A 302 5.70 -11.20 -14.96
C TYR A 302 6.39 -11.24 -16.32
N VAL A 303 5.99 -10.36 -17.24
CA VAL A 303 6.56 -10.39 -18.58
C VAL A 303 8.01 -9.94 -18.57
N ASN A 304 8.32 -8.89 -17.81
CA ASN A 304 9.71 -8.44 -17.69
C ASN A 304 10.57 -9.52 -17.05
N ALA A 305 10.02 -10.30 -16.12
CA ALA A 305 10.78 -11.38 -15.50
C ALA A 305 11.08 -12.48 -16.51
N ILE A 306 10.11 -12.80 -17.38
CA ILE A 306 10.34 -13.80 -18.41
C ILE A 306 11.36 -13.30 -19.42
N SER A 307 11.25 -12.03 -19.82
CA SER A 307 12.17 -11.47 -20.81
C SER A 307 13.62 -11.52 -20.30
N SER A 308 13.82 -11.29 -19.01
CA SER A 308 15.17 -11.24 -18.44
C SER A 308 15.78 -12.63 -18.24
N GLY A 309 15.03 -13.69 -18.51
CA GLY A 309 15.49 -15.02 -18.17
C GLY A 309 15.27 -15.40 -16.73
N ASP A 310 14.41 -14.67 -16.02
CA ASP A 310 14.09 -14.95 -14.63
C ASP A 310 12.72 -15.63 -14.53
N LEU A 311 12.34 -15.98 -13.31
CA LEU A 311 11.07 -16.63 -13.07
C LEU A 311 10.03 -15.62 -12.64
N PRO A 312 8.83 -15.64 -13.20
CA PRO A 312 7.72 -14.84 -12.66
C PRO A 312 7.36 -15.37 -11.27
N CYS A 313 7.47 -14.49 -10.28
CA CYS A 313 7.33 -14.88 -8.87
C CYS A 313 6.17 -14.12 -8.26
N MET A 314 5.21 -14.85 -7.71
CA MET A 314 4.00 -14.21 -7.19
C MET A 314 4.32 -13.18 -6.10
N GLU A 315 5.27 -13.51 -5.22
CA GLU A 315 5.60 -12.57 -4.15
C GLU A 315 6.33 -11.35 -4.69
N ASN A 316 7.22 -11.54 -5.67
CA ASN A 316 7.90 -10.42 -6.29
C ASN A 316 6.92 -9.46 -6.93
N ALA A 317 5.87 -9.98 -7.56
CA ALA A 317 4.86 -9.12 -8.16
C ALA A 317 4.12 -8.32 -7.10
N VAL A 318 3.79 -8.95 -5.98
CA VAL A 318 3.07 -8.25 -4.91
C VAL A 318 3.95 -7.15 -4.30
N LEU A 319 5.23 -7.43 -4.09
CA LEU A 319 6.13 -6.42 -3.54
C LEU A 319 6.37 -5.30 -4.54
N ALA A 320 6.51 -5.62 -5.82
CA ALA A 320 6.68 -4.58 -6.83
C ALA A 320 5.45 -3.68 -6.90
N LEU A 321 4.25 -4.27 -6.79
CA LEU A 321 3.04 -3.46 -6.73
C LEU A 321 2.99 -2.63 -5.45
N ALA A 322 3.38 -3.22 -4.32
CA ALA A 322 3.40 -2.47 -3.07
C ALA A 322 4.34 -1.28 -3.14
N GLN A 323 5.47 -1.44 -3.84
CA GLN A 323 6.37 -0.31 -4.06
C GLN A 323 5.64 0.87 -4.69
N ILE A 324 4.72 0.59 -5.62
CA ILE A 324 4.02 1.65 -6.32
C ILE A 324 3.02 2.34 -5.39
N GLU A 325 2.15 1.55 -4.77
CA GLU A 325 1.05 2.13 -4.00
C GLU A 325 1.51 2.71 -2.68
N ASN A 326 2.61 2.19 -2.11
CA ASN A 326 3.08 2.73 -0.83
C ASN A 326 3.68 4.12 -1.00
N SER A 327 4.50 4.31 -2.05
CA SER A 327 5.02 5.66 -2.30
C SER A 327 3.90 6.62 -2.66
N ALA A 328 2.86 6.14 -3.35
CA ALA A 328 1.68 6.97 -3.58
C ALA A 328 0.94 7.24 -2.27
N ALA A 329 0.92 6.26 -1.36
CA ALA A 329 0.29 6.48 -0.07
C ALA A 329 1.04 7.54 0.73
N VAL A 330 2.37 7.55 0.63
CA VAL A 330 3.16 8.55 1.36
C VAL A 330 2.84 9.94 0.84
N GLN A 331 2.74 10.10 -0.47
CA GLN A 331 2.44 11.43 -1.02
C GLN A 331 1.01 11.85 -0.67
N LYS A 332 0.05 10.93 -0.75
CA LYS A 332 -1.30 11.24 -0.32
C LYS A 332 -1.35 11.61 1.16
N ALA A 333 -0.52 10.94 1.98
CA ALA A 333 -0.46 11.27 3.40
C ALA A 333 0.07 12.68 3.61
N ILE A 334 1.15 13.04 2.90
CA ILE A 334 1.74 14.36 3.03
C ILE A 334 0.76 15.43 2.55
N ALA A 335 0.16 15.21 1.38
CA ALA A 335 -0.76 16.20 0.82
C ALA A 335 -1.91 16.48 1.77
N HIS A 336 -2.40 15.45 2.46
CA HIS A 336 -3.44 15.68 3.46
C HIS A 336 -2.91 16.48 4.64
N TYR A 337 -1.67 16.19 5.05
CA TYR A 337 -1.07 16.95 6.15
C TYR A 337 -0.97 18.43 5.80
N GLU A 338 -0.32 18.75 4.67
CA GLU A 338 -0.16 20.13 4.26
C GLU A 338 -1.50 20.86 4.17
N GLN A 339 -2.53 20.16 3.70
CA GLN A 339 -3.82 20.82 3.49
C GLN A 339 -4.50 21.12 4.81
N GLN A 340 -4.61 20.13 5.69
CA GLN A 340 -5.23 20.37 7.00
C GLN A 340 -4.39 21.32 7.85
N MET A 341 -3.09 21.43 7.58
CA MET A 341 -2.26 22.35 8.34
C MET A 341 -2.38 23.77 7.81
N GLY A 342 -2.27 23.96 6.49
CA GLY A 342 -2.39 25.29 5.93
C GLY A 342 -3.72 25.95 6.21
N GLN A 343 -4.76 25.15 6.47
CA GLN A 343 -6.09 25.65 6.77
C GLN A 343 -6.39 25.63 8.26
N LYS A 344 -5.37 25.66 9.12
CA LYS A 344 -5.59 25.55 10.56
C LYS A 344 -4.57 26.33 11.37
N VAL A 345 -3.45 26.72 10.76
CA VAL A 345 -2.41 27.46 11.46
C VAL A 345 -2.33 28.87 10.87
N GLN A 346 -2.35 29.87 11.75
CA GLN A 346 -2.04 31.26 11.42
C GLN A 346 -0.82 31.64 12.24
N LEU A 347 0.26 32.01 11.55
CA LEU A 347 1.61 31.76 12.05
C LEU A 347 2.19 32.73 13.08
N PRO A 348 1.40 33.57 13.74
CA PRO A 348 1.78 33.95 15.11
C PRO A 348 0.98 33.14 16.11
N THR A 349 1.39 31.90 16.37
CA THR A 349 0.71 31.07 17.34
C THR A 349 0.90 31.64 18.73
N GLU A 350 -0.14 31.56 19.56
CA GLU A 350 -0.07 32.14 20.91
C GLU A 350 0.99 31.43 21.74
N THR A 351 0.94 30.10 21.78
CA THR A 351 1.93 29.30 22.47
C THR A 351 2.59 28.34 21.49
N LEU A 352 3.61 27.65 21.97
CA LEU A 352 4.19 26.57 21.17
C LEU A 352 3.28 25.35 21.16
N GLN A 353 2.60 25.09 22.29
CA GLN A 353 1.70 23.94 22.38
C GLN A 353 0.54 24.07 21.41
N GLU A 354 0.13 25.30 21.08
CA GLU A 354 -0.93 25.46 20.09
C GLU A 354 -0.48 24.98 18.72
N LEU A 355 0.78 25.25 18.35
CA LEU A 355 1.31 24.79 17.08
C LEU A 355 1.56 23.29 17.10
N LEU A 356 2.07 22.77 18.22
CA LEU A 356 2.36 21.34 18.30
C LEU A 356 1.08 20.51 18.31
N ASP A 357 -0.02 21.04 18.86
CA ASP A 357 -1.28 20.31 18.85
C ASP A 357 -1.87 20.25 17.44
N LEU A 358 -1.70 21.32 16.66
CA LEU A 358 -2.16 21.29 15.27
C LEU A 358 -1.35 20.29 14.46
N HIS A 359 -0.03 20.25 14.66
CA HIS A 359 0.79 19.24 14.00
C HIS A 359 0.38 17.84 14.42
N ARG A 360 0.19 17.64 15.74
CA ARG A 360 -0.13 16.31 16.25
C ARG A 360 -1.44 15.78 15.66
N ASP A 361 -2.47 16.62 15.63
CA ASP A 361 -3.75 16.19 15.06
C ASP A 361 -3.65 15.99 13.55
N SER A 362 -2.89 16.85 12.88
CA SER A 362 -2.67 16.66 11.45
C SER A 362 -1.81 15.43 11.17
N GLU A 363 -0.83 15.18 12.03
CA GLU A 363 0.03 14.01 11.85
C GLU A 363 -0.75 12.72 12.03
N ARG A 364 -1.64 12.67 13.02
CA ARG A 364 -2.45 11.48 13.25
C ARG A 364 -3.25 11.11 12.01
N GLU A 365 -3.90 12.09 11.37
CA GLU A 365 -4.72 11.81 10.21
C GLU A 365 -3.89 11.44 9.00
N ALA A 366 -2.72 12.06 8.84
CA ALA A 366 -1.83 11.70 7.75
C ALA A 366 -1.39 10.25 7.88
N ILE A 367 -1.05 9.81 9.10
CA ILE A 367 -0.72 8.41 9.32
C ILE A 367 -1.93 7.53 9.01
N GLU A 368 -3.13 7.97 9.44
CA GLU A 368 -4.34 7.23 9.11
C GLU A 368 -4.51 7.09 7.61
N VAL A 369 -4.25 8.17 6.87
CA VAL A 369 -4.34 8.13 5.41
C VAL A 369 -3.37 7.10 4.86
N PHE A 370 -2.10 7.17 5.29
CA PHE A 370 -1.09 6.27 4.76
C PHE A 370 -1.38 4.81 5.13
N ILE A 371 -1.80 4.58 6.37
CA ILE A 371 -2.06 3.21 6.81
C ILE A 371 -3.16 2.58 5.98
N ARG A 372 -4.16 3.37 5.60
CA ARG A 372 -5.29 2.86 4.83
C ARG A 372 -4.88 2.45 3.42
N SER A 373 -3.96 3.20 2.81
CA SER A 373 -3.62 3.01 1.41
C SER A 373 -2.38 2.14 1.20
N SER A 374 -1.80 1.60 2.26
CA SER A 374 -0.54 0.88 2.16
C SER A 374 -0.73 -0.59 2.49
N PHE A 375 0.23 -1.39 2.02
CA PHE A 375 0.29 -2.81 2.38
C PHE A 375 1.68 -3.31 2.06
N LYS A 376 2.08 -4.38 2.76
CA LYS A 376 3.39 -5.01 2.57
C LYS A 376 4.52 -3.98 2.65
N ASP A 377 4.42 -3.08 3.62
CA ASP A 377 5.49 -2.09 3.87
C ASP A 377 6.63 -2.76 4.61
N VAL A 378 7.37 -3.59 3.87
CA VAL A 378 8.44 -4.40 4.46
C VAL A 378 9.45 -3.50 5.16
N ASP A 379 9.74 -3.81 6.42
CA ASP A 379 10.62 -3.06 7.29
C ASP A 379 10.12 -1.65 7.57
N HIS A 380 8.85 -1.36 7.26
CA HIS A 380 8.23 -0.06 7.50
C HIS A 380 9.02 1.08 6.87
N LEU A 381 9.68 0.80 5.74
CA LEU A 381 10.52 1.81 5.11
C LEU A 381 9.71 3.01 4.65
N PHE A 382 8.50 2.77 4.11
CA PHE A 382 7.69 3.88 3.63
C PHE A 382 7.08 4.67 4.79
N GLN A 383 6.74 4.00 5.89
CA GLN A 383 6.22 4.72 7.05
C GLN A 383 7.30 5.54 7.71
N LYS A 384 8.51 4.99 7.84
CA LYS A 384 9.62 5.77 8.35
C LYS A 384 9.92 6.97 7.45
N GLU A 385 9.77 6.78 6.13
CA GLU A 385 9.93 7.89 5.21
C GLU A 385 8.85 8.94 5.42
N LEU A 386 7.62 8.50 5.69
CA LEU A 386 6.56 9.46 6.00
C LEU A 386 6.84 10.21 7.29
N ALA A 387 7.36 9.51 8.31
CA ALA A 387 7.68 10.18 9.57
C ALA A 387 8.81 11.19 9.38
N ALA A 388 9.79 10.87 8.54
CA ALA A 388 10.86 11.83 8.26
C ALA A 388 10.31 13.09 7.62
N GLN A 389 9.42 12.94 6.64
CA GLN A 389 8.88 14.11 5.97
C GLN A 389 7.98 14.91 6.90
N LEU A 390 7.24 14.25 7.79
CA LEU A 390 6.39 14.97 8.73
C LEU A 390 7.22 15.70 9.76
N GLU A 391 8.35 15.12 10.17
CA GLU A 391 9.26 15.84 11.06
C GLU A 391 9.86 17.06 10.38
N LYS A 392 10.27 16.90 9.11
CA LYS A 392 10.81 18.03 8.36
C LYS A 392 9.78 19.15 8.24
N LYS A 393 8.52 18.79 7.99
CA LYS A 393 7.46 19.80 7.90
C LYS A 393 7.23 20.47 9.26
N ARG A 394 7.34 19.72 10.35
CA ARG A 394 7.11 20.29 11.66
C ARG A 394 8.20 21.30 12.02
N ASP A 395 9.46 20.97 11.73
CA ASP A 395 10.55 21.90 11.98
C ASP A 395 10.45 23.15 11.11
N ASP A 396 9.79 23.06 9.96
CA ASP A 396 9.64 24.23 9.09
C ASP A 396 8.51 25.14 9.58
N PHE A 397 7.42 24.55 10.08
CA PHE A 397 6.37 25.37 10.66
C PHE A 397 6.84 26.08 11.93
N CYS A 398 7.78 25.46 12.67
CA CYS A 398 8.26 26.03 13.92
C CYS A 398 9.19 27.22 13.67
N LYS A 399 10.18 27.06 12.78
CA LYS A 399 11.12 28.14 12.54
C LYS A 399 10.51 29.26 11.73
N GLN A 400 9.45 28.96 10.95
CA GLN A 400 8.65 30.03 10.38
C GLN A 400 7.69 30.63 11.40
N ASN A 401 7.33 29.88 12.44
CA ASN A 401 6.49 30.43 13.51
C ASN A 401 7.25 31.46 14.32
N GLN A 402 8.45 31.12 14.77
CA GLN A 402 9.20 32.04 15.62
C GLN A 402 9.64 33.29 14.86
N GLU A 403 9.86 33.18 13.55
CA GLU A 403 10.30 34.32 12.78
C GLU A 403 9.13 35.21 12.35
N ALA A 404 7.92 34.65 12.24
CA ALA A 404 6.75 35.52 12.15
C ALA A 404 6.52 36.25 13.46
N SER A 405 6.95 35.67 14.58
CA SER A 405 6.86 36.35 15.86
C SER A 405 7.98 37.39 16.03
N SER A 406 9.19 37.05 15.60
CA SER A 406 10.31 37.97 15.65
C SER A 406 10.18 39.11 14.64
N ASP A 407 9.14 39.12 13.81
CA ASP A 407 8.82 40.24 12.95
C ASP A 407 7.66 41.05 13.46
N ARG A 408 6.65 40.39 14.03
CA ARG A 408 5.52 41.10 14.61
C ARG A 408 5.93 41.91 15.83
N CYS A 409 6.94 41.43 16.57
CA CYS A 409 7.38 42.12 17.78
C CYS A 409 8.47 43.14 17.50
N SER A 410 9.46 42.78 16.70
CA SER A 410 10.47 43.75 16.28
C SER A 410 9.84 44.91 15.54
N ALA A 411 8.75 44.65 14.81
CA ALA A 411 8.03 45.74 14.17
C ALA A 411 7.35 46.66 15.16
N LEU A 412 6.77 46.09 16.21
CA LEU A 412 6.04 46.88 17.20
C LEU A 412 6.95 47.51 18.25
N LEU A 413 8.25 47.23 18.22
CA LEU A 413 9.19 48.03 18.99
C LEU A 413 9.47 49.36 18.32
N GLN A 414 9.65 49.34 16.99
CA GLN A 414 9.82 50.55 16.22
C GLN A 414 8.57 51.42 16.20
N VAL A 415 7.42 50.88 16.59
CA VAL A 415 6.18 51.64 16.64
C VAL A 415 5.90 52.19 18.03
N ILE A 416 6.10 51.37 19.06
CA ILE A 416 5.78 51.77 20.43
C ILE A 416 6.93 52.54 21.06
N PHE A 417 8.16 52.06 20.93
CA PHE A 417 9.28 52.56 21.71
C PHE A 417 10.16 53.56 20.98
N SER A 418 9.83 53.95 19.76
CA SER A 418 10.69 54.94 19.12
C SER A 418 10.24 56.37 19.38
N PRO A 419 8.96 56.64 19.64
CA PRO A 419 8.62 57.95 20.21
C PRO A 419 9.44 58.27 21.45
N LEU A 420 9.45 57.38 22.44
CA LEU A 420 10.26 57.58 23.63
C LEU A 420 11.74 57.62 23.28
N GLU A 421 12.17 56.79 22.33
CA GLU A 421 13.58 56.73 21.98
C GLU A 421 14.11 58.08 21.52
N GLU A 422 13.29 58.87 20.83
CA GLU A 422 13.73 60.17 20.35
C GLU A 422 13.20 61.33 21.18
N GLU A 423 12.34 61.07 22.16
CA GLU A 423 12.16 62.03 23.24
C GLU A 423 13.39 62.03 24.14
N VAL A 424 14.05 60.88 24.26
CA VAL A 424 15.38 60.84 24.88
C VAL A 424 16.39 61.57 24.00
N LYS A 425 16.18 61.58 22.68
CA LYS A 425 17.10 62.25 21.77
C LYS A 425 17.10 63.76 22.02
N ALA A 426 15.93 64.37 22.05
CA ALA A 426 15.82 65.80 22.30
C ALA A 426 16.11 66.18 23.76
N GLY A 427 16.53 65.25 24.61
CA GLY A 427 16.85 65.57 25.99
C GLY A 427 15.64 65.90 26.84
N ILE A 428 14.49 65.30 26.57
CA ILE A 428 13.27 65.64 27.30
C ILE A 428 13.33 65.14 28.74
N TYR A 429 14.07 64.06 28.99
CA TYR A 429 14.20 63.50 30.32
C TYR A 429 15.51 63.88 31.00
N SER A 430 16.39 64.61 30.31
CA SER A 430 17.64 65.09 30.90
C SER A 430 17.30 66.27 31.78
N LYS A 431 16.90 65.99 33.02
CA LYS A 431 16.40 67.06 33.87
C LYS A 431 16.13 66.60 35.31
N PRO A 432 16.04 67.54 36.26
CA PRO A 432 15.49 67.21 37.59
C PRO A 432 14.15 66.48 37.48
N GLY A 433 14.06 65.32 38.14
CA GLY A 433 12.87 64.51 38.11
C GLY A 433 12.64 63.76 36.82
N GLY A 434 13.57 63.83 35.86
CA GLY A 434 13.39 63.21 34.56
C GLY A 434 13.46 61.70 34.58
N TYR A 435 14.09 61.11 35.60
CA TYR A 435 14.21 59.66 35.64
C TYR A 435 12.89 59.00 36.00
N ARG A 436 12.17 59.54 36.98
CA ARG A 436 10.88 58.98 37.35
C ARG A 436 9.87 59.14 36.22
N LEU A 437 9.91 60.26 35.51
CA LEU A 437 9.05 60.44 34.35
C LEU A 437 9.40 59.44 33.25
N PHE A 438 10.67 59.07 33.12
CA PHE A 438 11.07 58.10 32.12
C PHE A 438 10.67 56.69 32.52
N VAL A 439 10.92 56.34 33.78
CA VAL A 439 10.55 55.00 34.27
C VAL A 439 9.05 54.79 34.12
N GLN A 440 8.25 55.83 34.37
CA GLN A 440 6.81 55.71 34.26
C GLN A 440 6.37 55.51 32.81
N LYS A 441 6.92 56.31 31.89
CA LYS A 441 6.48 56.20 30.50
C LYS A 441 6.96 54.90 29.88
N LEU A 442 8.15 54.42 30.27
CA LEU A 442 8.62 53.14 29.75
C LEU A 442 7.70 51.99 30.14
N GLN A 443 7.11 52.06 31.33
CA GLN A 443 6.22 50.98 31.76
C GLN A 443 4.86 51.08 31.08
N ASP A 444 4.36 52.30 30.87
CA ASP A 444 3.17 52.46 30.04
C ASP A 444 3.39 51.86 28.66
N LEU A 445 4.56 52.13 28.06
CA LEU A 445 4.88 51.56 26.76
C LEU A 445 4.99 50.05 26.82
N LYS A 446 5.61 49.52 27.88
CA LYS A 446 5.69 48.08 28.05
C LYS A 446 4.30 47.46 28.17
N LYS A 447 3.37 48.16 28.82
CA LYS A 447 2.00 47.69 28.90
C LYS A 447 1.34 47.67 27.53
N LYS A 448 1.42 48.80 26.81
CA LYS A 448 0.90 48.87 25.45
C LYS A 448 1.51 47.77 24.57
N TYR A 449 2.72 47.32 24.90
CA TYR A 449 3.35 46.26 24.14
C TYR A 449 2.71 44.91 24.44
N TYR A 450 2.56 44.58 25.72
CA TYR A 450 1.92 43.33 26.10
C TYR A 450 0.45 43.28 25.72
N GLU A 451 -0.19 44.44 25.53
CA GLU A 451 -1.62 44.49 25.25
C GLU A 451 -1.95 44.20 23.80
N GLU A 452 -0.98 44.29 22.90
CA GLU A 452 -1.23 44.02 21.50
C GLU A 452 -1.72 42.59 21.33
N PRO A 453 -2.58 42.33 20.32
CA PRO A 453 -3.34 41.07 20.27
C PRO A 453 -2.52 39.79 20.39
N ARG A 454 -1.93 39.34 19.29
CA ARG A 454 -1.23 38.04 19.24
C ARG A 454 0.21 38.29 18.79
N LYS A 455 1.14 38.19 19.73
CA LYS A 455 2.55 38.49 19.47
C LYS A 455 3.38 37.26 19.12
N GLY A 456 3.22 36.16 19.84
CA GLY A 456 3.92 34.94 19.55
C GLY A 456 4.92 34.55 20.63
N ILE A 457 5.69 33.51 20.33
CA ILE A 457 6.56 32.86 21.31
C ILE A 457 7.87 33.61 21.44
N GLN A 458 7.98 34.78 20.80
CA GLN A 458 9.21 35.57 20.84
C GLN A 458 9.01 36.92 21.51
N ALA A 459 7.82 37.18 22.08
CA ALA A 459 7.52 38.52 22.58
C ALA A 459 8.45 38.94 23.71
N GLU A 460 8.72 38.03 24.65
CA GLU A 460 9.57 38.38 25.78
C GLU A 460 11.03 38.49 25.36
N GLU A 461 11.49 37.60 24.47
CA GLU A 461 12.89 37.63 24.07
C GLU A 461 13.22 38.88 23.27
N ILE A 462 12.31 39.30 22.40
CA ILE A 462 12.54 40.50 21.60
C ILE A 462 12.57 41.74 22.49
N LEU A 463 11.62 41.84 23.42
CA LEU A 463 11.53 43.02 24.28
C LEU A 463 12.71 43.07 25.25
N GLN A 464 12.97 41.97 25.96
CA GLN A 464 14.05 41.96 26.94
C GLN A 464 15.42 42.15 26.30
N THR A 465 15.56 41.82 25.02
CA THR A 465 16.79 42.15 24.31
C THR A 465 16.87 43.66 24.04
N TYR A 466 15.72 44.28 23.76
CA TYR A 466 15.70 45.73 23.54
C TYR A 466 15.81 46.50 24.85
N LEU A 467 15.17 46.02 25.90
CA LEU A 467 15.23 46.71 27.19
C LEU A 467 16.65 46.72 27.74
N LYS A 468 17.46 45.73 27.37
CA LYS A 468 18.87 45.75 27.73
C LYS A 468 19.72 46.46 26.68
N SER A 469 19.23 46.61 25.46
CA SER A 469 19.88 47.47 24.48
C SER A 469 20.02 48.89 25.00
N LYS A 470 19.01 49.36 25.76
CA LYS A 470 18.96 50.73 26.26
C LYS A 470 19.25 50.81 27.75
N GLU A 471 20.02 49.87 28.30
CA GLU A 471 20.21 49.82 29.74
C GLU A 471 21.12 50.95 30.21
N SER A 472 22.23 51.19 29.49
CA SER A 472 23.15 52.25 29.90
C SER A 472 22.56 53.63 29.61
N MET A 473 21.80 53.76 28.52
CA MET A 473 21.11 55.01 28.24
C MET A 473 20.17 55.39 29.38
N THR A 474 19.54 54.39 30.02
CA THR A 474 18.66 54.66 31.15
C THR A 474 19.47 55.00 32.39
N ASP A 475 20.62 54.34 32.59
CA ASP A 475 21.43 54.63 33.77
C ASP A 475 22.04 56.02 33.70
N ALA A 476 22.26 56.55 32.48
CA ALA A 476 22.72 57.93 32.37
C ALA A 476 21.65 58.90 32.85
N ILE A 477 20.38 58.62 32.56
CA ILE A 477 19.30 59.47 33.03
C ILE A 477 19.19 59.41 34.55
N LEU A 478 19.45 58.23 35.12
CA LEU A 478 19.35 58.08 36.57
C LEU A 478 20.45 58.85 37.28
N GLN A 479 21.69 58.75 36.79
CA GLN A 479 22.82 59.32 37.51
C GLN A 479 22.81 60.85 37.47
N THR A 480 22.25 61.43 36.41
CA THR A 480 22.25 62.88 36.25
C THR A 480 21.01 63.56 36.82
N ASP A 481 20.03 62.78 37.31
CA ASP A 481 18.86 63.36 37.94
C ASP A 481 19.26 63.92 39.31
N GLN A 482 19.13 65.24 39.48
CA GLN A 482 19.57 65.90 40.70
C GLN A 482 18.51 65.92 41.80
N THR A 483 17.31 65.41 41.54
CA THR A 483 16.26 65.37 42.55
C THR A 483 16.32 64.11 43.42
N LEU A 484 17.23 63.19 43.13
CA LEU A 484 17.26 61.90 43.80
C LEU A 484 18.46 61.79 44.71
N THR A 485 18.24 61.24 45.91
CA THR A 485 19.32 60.84 46.79
C THR A 485 20.37 60.05 46.03
N GLU A 486 21.64 60.24 46.40
CA GLU A 486 22.66 59.39 45.81
C GLU A 486 22.68 57.99 46.41
N LYS A 487 21.99 57.79 47.54
CA LYS A 487 21.73 56.43 48.00
C LYS A 487 20.41 55.88 47.48
N GLU A 488 19.47 56.75 47.08
CA GLU A 488 18.32 56.26 46.33
C GLU A 488 18.72 55.89 44.91
N LYS A 489 19.73 56.57 44.35
CA LYS A 489 20.35 56.09 43.13
C LYS A 489 20.91 54.69 43.32
N GLU A 490 21.54 54.44 44.47
CA GLU A 490 22.02 53.10 44.80
C GLU A 490 20.91 52.07 44.70
N ILE A 491 19.80 52.32 45.39
CA ILE A 491 18.70 51.36 45.47
C ILE A 491 18.16 51.05 44.08
N GLU A 492 18.07 52.08 43.23
CA GLU A 492 17.47 51.88 41.91
C GLU A 492 18.39 51.07 40.99
N VAL A 493 19.70 51.27 41.09
CA VAL A 493 20.63 50.46 40.31
C VAL A 493 20.57 49.00 40.76
N GLU A 494 20.23 48.78 42.03
CA GLU A 494 20.02 47.41 42.52
C GLU A 494 18.68 46.85 42.03
N ARG A 495 17.63 47.65 42.07
CA ARG A 495 16.31 47.18 41.63
C ARG A 495 16.32 46.85 40.14
N VAL A 496 17.02 47.63 39.34
CA VAL A 496 17.04 47.38 37.89
C VAL A 496 17.83 46.13 37.57
N LYS A 497 19.00 45.95 38.18
CA LYS A 497 19.80 44.78 37.86
C LYS A 497 19.23 43.51 38.47
N ALA A 498 18.36 43.62 39.47
CA ALA A 498 17.60 42.47 39.93
C ALA A 498 16.48 42.12 38.94
N GLU A 499 15.81 43.15 38.41
CA GLU A 499 14.80 42.92 37.38
C GLU A 499 15.43 42.32 36.12
N SER A 500 16.62 42.79 35.74
CA SER A 500 17.27 42.25 34.56
C SER A 500 17.71 40.80 34.78
N ALA A 501 18.24 40.51 35.97
CA ALA A 501 18.68 39.13 36.25
C ALA A 501 17.50 38.18 36.39
N GLN A 502 16.38 38.66 36.92
CA GLN A 502 15.19 37.81 37.04
C GLN A 502 14.61 37.51 35.66
N ALA A 503 14.47 38.54 34.83
CA ALA A 503 13.91 38.33 33.49
C ALA A 503 14.85 37.52 32.61
N SER A 504 16.15 37.76 32.70
CA SER A 504 17.12 37.00 31.92
C SER A 504 17.19 35.53 32.35
N ALA A 505 16.64 35.20 33.52
CA ALA A 505 16.58 33.81 33.96
C ALA A 505 15.32 33.10 33.50
N LYS A 506 14.18 33.82 33.46
CA LYS A 506 12.95 33.22 32.98
C LYS A 506 12.94 33.01 31.47
N MET A 507 13.73 33.78 30.72
CA MET A 507 13.96 33.46 29.32
C MET A 507 14.72 32.15 29.18
N LEU A 508 15.74 31.94 30.01
CA LEU A 508 16.46 30.67 30.02
C LEU A 508 15.60 29.55 30.57
N GLN A 509 14.64 29.87 31.44
CA GLN A 509 13.70 28.87 31.92
C GLN A 509 12.70 28.48 30.83
N GLU A 510 12.32 29.44 29.98
CA GLU A 510 11.40 29.14 28.88
C GLU A 510 12.10 28.44 27.73
N MET A 511 13.33 28.85 27.42
CA MET A 511 14.12 28.14 26.42
C MET A 511 14.40 26.69 26.83
N GLN A 512 14.13 26.35 28.10
CA GLN A 512 14.17 24.97 28.58
C GLN A 512 12.80 24.30 28.46
N ARG A 513 11.73 25.02 28.81
CA ARG A 513 10.39 24.46 28.69
C ARG A 513 10.06 24.14 27.23
N LYS A 514 10.41 25.04 26.31
CA LYS A 514 10.24 24.74 24.89
C LYS A 514 11.25 23.70 24.42
N ASN A 515 12.45 23.71 25.00
CA ASN A 515 13.43 22.65 24.75
C ASN A 515 12.81 21.26 24.94
N GLU A 516 11.95 21.12 25.95
CA GLU A 516 11.43 19.82 26.33
C GLU A 516 10.02 19.56 25.80
N GLN A 517 9.27 20.58 25.41
CA GLN A 517 8.01 20.34 24.71
C GLN A 517 8.26 19.69 23.36
N MET A 518 9.36 20.06 22.71
CA MET A 518 9.71 19.47 21.42
C MET A 518 10.06 18.00 21.56
N MET A 519 10.95 17.67 22.50
CA MET A 519 11.32 16.28 22.71
C MET A 519 10.16 15.46 23.25
N GLU A 520 9.27 16.08 24.02
CA GLU A 520 8.06 15.40 24.49
C GLU A 520 7.16 15.02 23.31
N GLN A 521 6.87 15.99 22.44
CA GLN A 521 6.02 15.72 21.29
C GLN A 521 6.68 14.73 20.33
N LYS A 522 8.01 14.70 20.29
CA LYS A 522 8.70 13.71 19.46
C LYS A 522 8.35 12.30 19.91
N GLU A 523 8.00 12.13 21.20
CA GLU A 523 7.63 10.80 21.70
C GLU A 523 6.20 10.41 21.35
N ARG A 524 5.22 11.32 21.50
CA ARG A 524 3.85 11.03 21.06
C ARG A 524 3.78 10.73 19.59
N SER A 525 4.52 11.48 18.81
CA SER A 525 4.60 11.20 17.39
C SER A 525 4.98 9.74 17.20
N TYR A 526 6.06 9.31 17.85
CA TYR A 526 6.50 7.92 17.74
C TYR A 526 5.41 6.98 18.23
N GLN A 527 4.81 7.29 19.38
CA GLN A 527 3.75 6.43 19.90
C GLN A 527 2.56 6.38 18.95
N GLU A 528 2.29 7.47 18.23
CA GLU A 528 1.17 7.47 17.28
C GLU A 528 1.47 6.55 16.10
N HIS A 529 2.69 6.62 15.55
CA HIS A 529 3.10 5.66 14.52
C HIS A 529 3.00 4.25 15.04
N LEU A 530 3.51 4.01 16.26
CA LEU A 530 3.52 2.66 16.82
C LEU A 530 2.11 2.14 17.03
N LYS A 531 1.21 2.98 17.56
CA LYS A 531 -0.16 2.55 17.78
C LYS A 531 -0.84 2.15 16.48
N GLN A 532 -0.71 2.99 15.44
CA GLN A 532 -1.42 2.72 14.19
C GLN A 532 -0.81 1.56 13.42
N LEU A 533 0.51 1.42 13.46
CA LEU A 533 1.14 0.28 12.81
C LEU A 533 0.78 -1.02 13.50
N THR A 534 0.73 -1.02 14.84
CA THR A 534 0.38 -2.23 15.57
C THR A 534 -1.00 -2.74 15.17
N GLU A 535 -1.97 -1.83 15.08
CA GLU A 535 -3.32 -2.24 14.66
C GLU A 535 -3.32 -2.70 13.22
N LYS A 536 -2.51 -2.06 12.37
CA LYS A 536 -2.42 -2.48 10.97
C LYS A 536 -1.81 -3.88 10.85
N MET A 537 -0.75 -4.15 11.60
CA MET A 537 -0.10 -5.46 11.54
C MET A 537 -0.98 -6.58 12.09
N GLU A 538 -1.91 -6.26 12.98
CA GLU A 538 -2.80 -7.29 13.51
C GLU A 538 -3.90 -7.64 12.51
N ASN A 539 -4.46 -6.62 11.85
CA ASN A 539 -5.43 -6.88 10.78
C ASN A 539 -4.82 -7.72 9.67
N ASP A 540 -3.61 -7.35 9.23
CA ASP A 540 -2.94 -8.12 8.19
C ASP A 540 -2.73 -9.57 8.62
N ARG A 541 -2.35 -9.78 9.88
CA ARG A 541 -2.13 -11.13 10.37
C ARG A 541 -3.45 -11.91 10.43
N VAL A 542 -4.53 -11.26 10.84
CA VAL A 542 -5.82 -11.93 10.89
C VAL A 542 -6.29 -12.29 9.48
N GLN A 543 -5.99 -11.43 8.50
CA GLN A 543 -6.37 -11.74 7.12
C GLN A 543 -5.48 -12.82 6.53
N LEU A 544 -4.18 -12.77 6.82
CA LEU A 544 -3.28 -13.81 6.35
C LEU A 544 -3.64 -15.15 6.97
N LEU A 545 -4.03 -15.14 8.24
CA LEU A 545 -4.42 -16.40 8.89
C LEU A 545 -5.68 -16.97 8.27
N LYS A 546 -6.61 -16.10 7.88
CA LYS A 546 -7.85 -16.57 7.26
C LYS A 546 -7.57 -17.25 5.93
N GLU A 547 -6.59 -16.75 5.18
CA GLU A 547 -6.22 -17.40 3.93
C GLU A 547 -5.49 -18.72 4.17
N GLN A 548 -4.68 -18.78 5.23
CA GLN A 548 -3.91 -20.00 5.48
C GLN A 548 -4.80 -21.12 6.00
N GLU A 549 -5.83 -20.80 6.79
CA GLU A 549 -6.76 -21.84 7.23
C GLU A 549 -7.50 -22.43 6.04
N ARG A 550 -7.87 -21.61 5.07
CA ARG A 550 -8.48 -22.11 3.84
C ARG A 550 -7.52 -23.03 3.10
N THR A 551 -6.26 -22.61 2.96
CA THR A 551 -5.27 -23.47 2.33
C THR A 551 -5.06 -24.76 3.13
N LEU A 552 -5.02 -24.66 4.46
CA LEU A 552 -4.83 -25.85 5.27
C LEU A 552 -5.95 -26.86 5.06
N ALA A 553 -7.17 -26.37 4.88
CA ALA A 553 -8.32 -27.26 4.71
C ALA A 553 -8.28 -27.96 3.36
N LEU A 554 -7.84 -27.25 2.31
CA LEU A 554 -7.74 -27.89 0.99
C LEU A 554 -6.61 -28.92 0.96
N LYS A 555 -5.52 -28.66 1.67
CA LYS A 555 -4.42 -29.62 1.67
C LYS A 555 -4.77 -30.86 2.48
N LEU A 556 -5.43 -30.67 3.63
CA LEU A 556 -5.83 -31.82 4.43
C LEU A 556 -6.84 -32.68 3.68
N GLN A 557 -7.73 -32.06 2.92
CA GLN A 557 -8.72 -32.81 2.17
C GLN A 557 -8.07 -33.66 1.08
N GLU A 558 -7.12 -33.07 0.34
CA GLU A 558 -6.46 -33.81 -0.73
C GLU A 558 -5.50 -34.85 -0.17
N GLN A 559 -4.91 -34.60 1.00
CA GLN A 559 -3.93 -35.53 1.56
C GLN A 559 -4.60 -36.84 1.96
N GLU A 560 -5.63 -36.79 2.80
CA GLU A 560 -6.27 -38.03 3.23
C GLU A 560 -7.05 -38.69 2.10
N GLN A 561 -7.49 -37.92 1.10
CA GLN A 561 -8.06 -38.55 -0.09
C GLN A 561 -7.00 -39.38 -0.81
N LEU A 562 -5.76 -38.87 -0.88
CA LEU A 562 -4.68 -39.67 -1.43
C LEU A 562 -4.41 -40.91 -0.58
N LEU A 563 -4.44 -40.75 0.75
CA LEU A 563 -4.22 -41.89 1.65
C LEU A 563 -5.34 -42.92 1.51
N LYS A 564 -6.58 -42.46 1.39
CA LYS A 564 -7.70 -43.38 1.20
C LYS A 564 -7.56 -44.17 -0.10
N GLU A 565 -7.09 -43.52 -1.16
CA GLU A 565 -6.88 -44.21 -2.42
C GLU A 565 -5.66 -45.12 -2.41
N GLY A 566 -4.87 -45.10 -1.35
CA GLY A 566 -3.77 -46.03 -1.19
C GLY A 566 -2.40 -45.55 -1.60
N PHE A 567 -2.19 -44.24 -1.68
CA PHE A 567 -0.93 -43.67 -2.14
C PHE A 567 -0.22 -43.07 -0.93
N GLN A 568 0.57 -43.90 -0.25
CA GLN A 568 1.22 -43.47 0.98
C GLN A 568 2.35 -42.48 0.71
N LYS A 569 3.06 -42.63 -0.42
CA LYS A 569 4.14 -41.69 -0.73
C LYS A 569 3.60 -40.27 -0.91
N GLU A 570 2.54 -40.13 -1.70
CA GLU A 570 1.99 -38.80 -1.97
C GLU A 570 1.31 -38.23 -0.74
N SER A 571 0.65 -39.06 0.06
CA SER A 571 0.09 -38.60 1.32
C SER A 571 1.18 -38.12 2.26
N ARG A 572 2.32 -38.81 2.27
CA ARG A 572 3.43 -38.40 3.12
C ARG A 572 3.97 -37.05 2.70
N ILE A 573 4.10 -36.82 1.40
CA ILE A 573 4.56 -35.52 0.91
C ILE A 573 3.60 -34.42 1.32
N MET A 574 2.30 -34.66 1.15
CA MET A 574 1.32 -33.64 1.49
C MET A 574 1.29 -33.38 2.98
N LYS A 575 1.49 -34.41 3.80
CA LYS A 575 1.54 -34.20 5.25
C LYS A 575 2.67 -33.27 5.62
N ASN A 576 3.80 -33.36 4.92
CA ASN A 576 4.91 -32.44 5.18
C ASN A 576 4.55 -31.02 4.75
N GLU A 577 3.84 -30.87 3.63
CA GLU A 577 3.35 -29.54 3.25
C GLU A 577 2.43 -28.97 4.33
N ILE A 578 1.58 -29.82 4.91
CA ILE A 578 0.68 -29.38 5.97
C ILE A 578 1.47 -28.96 7.20
N GLN A 579 2.47 -29.76 7.58
CA GLN A 579 3.31 -29.43 8.72
C GLN A 579 4.07 -28.13 8.48
N ASP A 580 4.58 -27.94 7.26
CA ASP A 580 5.28 -26.70 6.94
C ASP A 580 4.34 -25.51 6.99
N LEU A 581 3.09 -25.70 6.55
CA LEU A 581 2.14 -24.59 6.56
C LEU A 581 1.70 -24.25 7.98
N GLN A 582 1.47 -25.26 8.82
CA GLN A 582 1.05 -24.99 10.19
C GLN A 582 2.14 -24.28 10.98
N THR A 583 3.40 -24.61 10.72
CA THR A 583 4.50 -23.87 11.33
C THR A 583 4.48 -22.41 10.90
N LYS A 584 4.29 -22.16 9.60
CA LYS A 584 4.28 -20.80 9.09
C LYS A 584 3.15 -19.99 9.70
N MET A 585 2.00 -20.63 9.95
CA MET A 585 0.85 -19.92 10.51
C MET A 585 1.14 -19.38 11.89
N ARG A 586 2.11 -19.95 12.60
CA ARG A 586 2.50 -19.48 13.93
C ARG A 586 3.45 -18.28 13.88
N ARG A 587 3.79 -17.78 12.70
CA ARG A 587 4.71 -16.66 12.60
C ARG A 587 4.02 -15.35 12.96
N ARG A 588 4.80 -14.41 13.47
CA ARG A 588 4.33 -13.06 13.76
C ARG A 588 5.42 -12.09 13.32
N LYS A 589 5.05 -11.13 12.46
CA LYS A 589 6.04 -10.21 11.93
C LYS A 589 6.51 -9.25 13.02
N ALA A 590 7.79 -8.93 13.01
CA ALA A 590 8.41 -8.10 14.03
C ALA A 590 8.44 -6.65 13.58
N CYS A 591 8.71 -5.77 14.54
CA CYS A 591 8.84 -4.35 14.28
C CYS A 591 10.31 -3.99 14.15
N THR A 592 10.65 -3.32 13.06
CA THR A 592 12.01 -2.81 12.84
C THR A 592 12.10 -1.44 13.50
N ILE A 593 12.68 -1.39 14.69
CA ILE A 593 12.77 -0.15 15.45
C ILE A 593 14.09 0.57 15.19
N SER A 594 15.19 -0.17 15.23
CA SER A 594 16.51 0.43 15.06
C SER A 594 17.05 0.23 13.65
#